data_4M4B
#
_entry.id   4M4B
#
_cell.length_a   53.443
_cell.length_b   53.443
_cell.length_c   193.581
_cell.angle_alpha   90.00
_cell.angle_beta   90.00
_cell.angle_gamma   90.00
#
_symmetry.space_group_name_H-M   'P 41 21 2'
#
loop_
_entity.id
_entity.type
_entity.pdbx_description
1 polymer 'Hemoglobin subunit alpha'
2 polymer 'Hemoglobin subunit beta'
3 non-polymer 'PROTOPORPHYRIN IX CONTAINING FE'
4 non-polymer GLYCEROL
5 non-polymer NITROSOETHANE
6 water water
#
loop_
_entity_poly.entity_id
_entity_poly.type
_entity_poly.pdbx_seq_one_letter_code
_entity_poly.pdbx_strand_id
1 'polypeptide(L)'
;VLSPADKTNVKAAWGKVGAHAGEYGAEALERMFLSFPTTKTYFPHFDLSHGSAQVKGHGKKVADALTNAVAHVDDMPNAL
SALSDLHAHKLRVDPVNFKLLSHCLLVTLAAHLPAEFTPAVHASLDKFLASVSTVLTSKYR
;
A
2 'polypeptide(L)'
;VHLTPEEKSAVTALWGKVNVDEVGGEALGRLLVVYPWTQRFFESFGDLSTPDAVMGNPKVKAHGKKVLGAFSDGLAHLDN
LKGTFATLSELHCDKLHVDPENFRLLGNVLVCVLAHHFGKEFTPPVQAAYQKVVAGVANALAHKYH
;
B
#
loop_
_chem_comp.id
_chem_comp.type
_chem_comp.name
_chem_comp.formula
GOL non-polymer GLYCEROL 'C3 H8 O3'
HEM non-polymer 'PROTOPORPHYRIN IX CONTAINING FE' 'C34 H32 Fe N4 O4'
NOE non-polymer NITROSOETHANE 'C2 H5 N O'
#
# COMPACT_ATOMS: atom_id res chain seq x y z
N VAL A 1 9.39 -16.00 6.33
CA VAL A 1 8.50 -17.09 6.72
C VAL A 1 7.04 -16.78 6.36
N LEU A 2 6.27 -17.84 6.12
CA LEU A 2 4.84 -17.74 5.92
C LEU A 2 4.22 -18.84 6.74
N SER A 3 3.40 -18.46 7.72
CA SER A 3 2.70 -19.43 8.55
C SER A 3 1.63 -20.17 7.78
N PRO A 4 1.10 -21.27 8.34
CA PRO A 4 -0.03 -21.95 7.70
C PRO A 4 -1.23 -21.02 7.58
N ALA A 5 -1.42 -20.14 8.55
CA ALA A 5 -2.50 -19.17 8.50
C ALA A 5 -2.31 -18.23 7.29
N ASP A 6 -1.13 -17.61 7.18
CA ASP A 6 -0.84 -16.77 6.01
C ASP A 6 -1.12 -17.51 4.69
N LYS A 7 -0.68 -18.75 4.59
CA LYS A 7 -0.90 -19.54 3.38
C LYS A 7 -2.39 -19.79 3.10
N THR A 8 -3.17 -20.12 4.12
CA THR A 8 -4.60 -20.27 3.86
C THR A 8 -5.26 -18.92 3.53
N ASN A 9 -4.81 -17.84 4.18
CA ASN A 9 -5.34 -16.50 3.85
C ASN A 9 -5.09 -16.13 2.39
N VAL A 10 -3.86 -16.34 1.95
CA VAL A 10 -3.46 -16.04 0.57
C VAL A 10 -4.21 -16.92 -0.43
N LYS A 11 -4.34 -18.21 -0.13
CA LYS A 11 -5.05 -19.11 -1.02
C LYS A 11 -6.50 -18.66 -1.11
N ALA A 12 -7.09 -18.36 0.04
CA ALA A 12 -8.45 -17.87 0.11
C ALA A 12 -8.66 -16.64 -0.77
N ALA A 13 -7.81 -15.63 -0.58
CA ALA A 13 -7.85 -14.41 -1.38
C ALA A 13 -7.78 -14.67 -2.89
N TRP A 14 -6.82 -15.48 -3.32
CA TRP A 14 -6.71 -15.85 -4.74
C TRP A 14 -7.92 -16.63 -5.24
N GLY A 15 -8.50 -17.44 -4.35
CA GLY A 15 -9.72 -18.16 -4.69
C GLY A 15 -10.80 -17.22 -5.13
N LYS A 16 -11.06 -16.19 -4.33
CA LYS A 16 -12.14 -15.25 -4.62
C LYS A 16 -11.86 -14.34 -5.81
N VAL A 17 -10.61 -13.92 -5.97
CA VAL A 17 -10.17 -13.22 -7.19
C VAL A 17 -10.59 -14.00 -8.44
N GLY A 18 -10.41 -15.32 -8.40
CA GLY A 18 -10.86 -16.19 -9.48
C GLY A 18 -10.32 -15.81 -10.84
N ALA A 19 -11.19 -15.86 -11.86
CA ALA A 19 -10.78 -15.59 -13.24
C ALA A 19 -10.54 -14.11 -13.54
N HIS A 20 -10.67 -13.27 -12.52
CA HIS A 20 -10.34 -11.86 -12.65
C HIS A 20 -8.85 -11.61 -12.43
N ALA A 21 -8.09 -12.66 -12.12
CA ALA A 21 -6.64 -12.54 -11.89
C ALA A 21 -5.90 -11.66 -12.90
N GLY A 22 -5.99 -11.98 -14.18
CA GLY A 22 -5.32 -11.18 -15.20
C GLY A 22 -5.75 -9.71 -15.23
N GLU A 23 -7.06 -9.48 -15.13
CA GLU A 23 -7.59 -8.12 -15.15
C GLU A 23 -7.10 -7.31 -13.96
N TYR A 24 -6.98 -7.95 -12.81
CA TYR A 24 -6.53 -7.22 -11.62
C TYR A 24 -5.05 -6.90 -11.78
N GLY A 25 -4.31 -7.80 -12.43
CA GLY A 25 -2.90 -7.61 -12.70
C GLY A 25 -2.68 -6.38 -13.56
N ALA A 26 -3.48 -6.27 -14.63
CA ALA A 26 -3.42 -5.11 -15.52
C ALA A 26 -3.75 -3.82 -14.76
N GLU A 27 -4.73 -3.90 -13.86
CA GLU A 27 -5.15 -2.75 -13.07
C GLU A 27 -4.07 -2.29 -12.11
N ALA A 28 -3.40 -3.28 -11.50
CA ALA A 28 -2.30 -3.01 -10.56
C ALA A 28 -1.18 -2.33 -11.29
N LEU A 29 -0.89 -2.82 -12.49
CA LEU A 29 0.13 -2.17 -13.31
C LEU A 29 -0.24 -0.71 -13.56
N GLU A 30 -1.49 -0.47 -13.95
CA GLU A 30 -1.91 0.92 -14.25
C GLU A 30 -1.82 1.79 -13.02
N ARG A 31 -2.21 1.24 -11.87
CA ARG A 31 -2.12 2.00 -10.63
C ARG A 31 -0.67 2.39 -10.36
N MET A 32 0.24 1.44 -10.57
CA MET A 32 1.66 1.70 -10.33
C MET A 32 2.22 2.81 -11.26
N PHE A 33 1.87 2.74 -12.54
CA PHE A 33 2.41 3.67 -13.53
C PHE A 33 1.88 5.06 -13.27
N LEU A 34 0.61 5.18 -12.88
CA LEU A 34 0.07 6.50 -12.55
C LEU A 34 0.57 7.05 -11.21
N SER A 35 0.67 6.20 -10.20
CA SER A 35 1.05 6.65 -8.86
C SER A 35 2.55 6.90 -8.73
N PHE A 36 3.31 6.11 -9.47
CA PHE A 36 4.77 6.09 -9.33
C PHE A 36 5.37 6.12 -10.72
N PRO A 37 5.35 7.33 -11.32
CA PRO A 37 5.71 7.53 -12.73
C PRO A 37 7.11 7.10 -13.08
N THR A 38 8.02 7.07 -12.10
CA THR A 38 9.38 6.58 -12.32
C THR A 38 9.38 5.14 -12.83
N THR A 39 8.36 4.37 -12.46
CA THR A 39 8.33 2.98 -12.87
C THR A 39 8.10 2.88 -14.36
N LYS A 40 7.58 3.95 -14.96
CA LYS A 40 7.28 3.91 -16.39
C LYS A 40 8.50 3.72 -17.29
N THR A 41 9.69 4.01 -16.77
CA THR A 41 10.88 4.00 -17.62
C THR A 41 11.30 2.59 -17.99
N TYR A 42 10.79 1.61 -17.27
CA TYR A 42 11.08 0.22 -17.58
C TYR A 42 10.23 -0.28 -18.75
N PHE A 43 9.26 0.52 -19.17
CA PHE A 43 8.38 0.12 -20.28
C PHE A 43 8.29 1.23 -21.35
N PRO A 44 9.43 1.64 -21.93
CA PRO A 44 9.41 2.76 -22.91
C PRO A 44 8.62 2.39 -24.16
N HIS A 45 8.71 1.11 -24.53
CA HIS A 45 8.10 0.59 -25.75
C HIS A 45 6.67 0.11 -25.58
N PHE A 46 6.10 0.31 -24.38
CA PHE A 46 4.71 -0.03 -24.15
C PHE A 46 3.88 1.20 -24.40
N ASP A 47 2.68 1.01 -24.94
CA ASP A 47 1.68 2.05 -24.78
C ASP A 47 1.08 1.82 -23.40
N LEU A 48 1.14 2.82 -22.53
CA LEU A 48 0.68 2.65 -21.15
C LEU A 48 -0.66 3.33 -20.92
N SER A 49 -1.33 3.71 -22.00
CA SER A 49 -2.62 4.41 -21.90
C SER A 49 -3.66 3.46 -21.36
N HIS A 50 -4.77 4.01 -20.87
CA HIS A 50 -5.82 3.16 -20.33
C HIS A 50 -6.41 2.32 -21.46
N GLY A 51 -6.54 1.02 -21.23
CA GLY A 51 -7.17 0.12 -22.19
C GLY A 51 -6.13 -0.50 -23.10
N SER A 52 -4.88 -0.14 -22.85
CA SER A 52 -3.78 -0.67 -23.64
C SER A 52 -3.77 -2.19 -23.64
N ALA A 53 -3.86 -2.78 -24.82
CA ALA A 53 -3.80 -4.24 -24.95
C ALA A 53 -2.48 -4.76 -24.41
N GLN A 54 -1.44 -3.92 -24.42
CA GLN A 54 -0.13 -4.36 -23.96
C GLN A 54 -0.07 -4.41 -22.44
N VAL A 55 -0.72 -3.46 -21.76
CA VAL A 55 -0.80 -3.51 -20.31
C VAL A 55 -1.66 -4.69 -19.89
N LYS A 56 -2.82 -4.82 -20.53
CA LYS A 56 -3.70 -5.97 -20.29
C LYS A 56 -2.99 -7.31 -20.44
N GLY A 57 -2.28 -7.48 -21.55
CA GLY A 57 -1.54 -8.71 -21.79
C GLY A 57 -0.50 -8.93 -20.72
N HIS A 58 0.23 -7.88 -20.37
CA HIS A 58 1.29 -7.99 -19.39
C HIS A 58 0.73 -8.23 -17.98
N GLY A 59 -0.42 -7.64 -17.68
CA GLY A 59 -1.11 -7.88 -16.42
C GLY A 59 -1.38 -9.35 -16.19
N LYS A 60 -1.70 -10.08 -17.26
CA LYS A 60 -2.06 -11.49 -17.15
C LYS A 60 -0.83 -12.28 -16.81
N LYS A 61 0.29 -11.88 -17.41
CA LYS A 61 1.57 -12.51 -17.14
C LYS A 61 2.00 -12.33 -15.70
N VAL A 62 1.89 -11.09 -15.20
CA VAL A 62 2.17 -10.80 -13.78
C VAL A 62 1.29 -11.64 -12.86
N ALA A 63 -0.03 -11.65 -13.10
CA ALA A 63 -0.94 -12.47 -12.30
C ALA A 63 -0.60 -13.96 -12.38
N ASP A 64 -0.28 -14.44 -13.59
CA ASP A 64 0.09 -15.85 -13.74
C ASP A 64 1.34 -16.21 -12.95
N ALA A 65 2.28 -15.27 -12.82
CA ALA A 65 3.51 -15.53 -12.06
C ALA A 65 3.18 -15.60 -10.58
N LEU A 66 2.31 -14.70 -10.14
CA LEU A 66 1.87 -14.67 -8.74
C LEU A 66 1.11 -15.95 -8.37
N THR A 67 0.22 -16.38 -9.27
CA THR A 67 -0.53 -17.61 -9.06
C THR A 67 0.39 -18.83 -9.00
N ASN A 68 1.41 -18.84 -9.86
CA ASN A 68 2.41 -19.90 -9.84
C ASN A 68 3.17 -19.88 -8.51
N ALA A 69 3.39 -18.70 -7.96
CA ALA A 69 4.05 -18.60 -6.64
C ALA A 69 3.15 -19.12 -5.51
N VAL A 70 1.88 -18.72 -5.53
CA VAL A 70 0.89 -19.23 -4.59
C VAL A 70 0.83 -20.75 -4.70
N ALA A 71 0.79 -21.25 -5.92
CA ALA A 71 0.65 -22.70 -6.17
C ALA A 71 1.87 -23.50 -5.72
N HIS A 72 3.00 -22.82 -5.56
CA HIS A 72 4.22 -23.46 -5.13
C HIS A 72 4.85 -22.63 -4.03
N VAL A 73 4.03 -22.29 -3.05
CA VAL A 73 4.40 -21.33 -2.02
C VAL A 73 5.63 -21.78 -1.21
N ASP A 74 5.77 -23.10 -1.05
CA ASP A 74 6.87 -23.68 -0.27
C ASP A 74 8.21 -23.80 -1.03
N ASP A 75 8.18 -23.59 -2.35
CA ASP A 75 9.42 -23.55 -3.12
C ASP A 75 9.42 -22.42 -4.15
N MET A 76 9.17 -21.21 -3.67
CA MET A 76 9.14 -20.02 -4.53
C MET A 76 10.47 -19.70 -5.25
N PRO A 77 11.62 -19.79 -4.56
CA PRO A 77 12.87 -19.51 -5.28
C PRO A 77 13.06 -20.39 -6.53
N ASN A 78 12.71 -21.66 -6.43
CA ASN A 78 12.76 -22.56 -7.59
C ASN A 78 11.71 -22.14 -8.63
N ALA A 79 10.47 -21.97 -8.18
CA ALA A 79 9.39 -21.58 -9.08
C ALA A 79 9.70 -20.26 -9.79
N LEU A 80 10.22 -19.29 -9.04
CA LEU A 80 10.47 -17.95 -9.57
C LEU A 80 11.90 -17.70 -10.11
N SER A 81 12.65 -18.78 -10.33
CA SER A 81 14.07 -18.69 -10.71
C SER A 81 14.36 -17.89 -11.99
N ALA A 82 13.67 -18.21 -13.08
CA ALA A 82 13.88 -17.49 -14.33
C ALA A 82 13.47 -16.02 -14.23
N LEU A 83 12.39 -15.77 -13.48
CA LEU A 83 11.86 -14.42 -13.31
C LEU A 83 12.83 -13.54 -12.52
N SER A 84 13.42 -14.11 -11.46
CA SER A 84 14.46 -13.42 -10.67
C SER A 84 15.65 -13.03 -11.55
N ASP A 85 16.06 -13.96 -12.42
CA ASP A 85 17.18 -13.73 -13.33
C ASP A 85 16.84 -12.60 -14.28
N LEU A 86 15.66 -12.69 -14.88
CA LEU A 86 15.20 -11.67 -15.79
C LEU A 86 15.24 -10.27 -15.17
N HIS A 87 14.60 -10.10 -14.00
CA HIS A 87 14.45 -8.75 -13.43
C HIS A 87 15.72 -8.14 -12.86
N ALA A 88 16.59 -8.96 -12.30
CA ALA A 88 17.85 -8.46 -11.74
C ALA A 88 18.91 -8.23 -12.81
N HIS A 89 19.05 -9.20 -13.72
CA HIS A 89 20.16 -9.20 -14.67
C HIS A 89 19.88 -8.47 -15.97
N LYS A 90 18.80 -8.83 -16.64
CA LYS A 90 18.47 -8.23 -17.92
C LYS A 90 17.78 -6.89 -17.75
N LEU A 91 16.86 -6.82 -16.78
CA LEU A 91 16.03 -5.62 -16.68
C LEU A 91 16.65 -4.64 -15.70
N ARG A 92 17.41 -5.15 -14.74
CA ARG A 92 18.04 -4.32 -13.71
C ARG A 92 17.01 -3.47 -12.96
N VAL A 93 15.94 -4.11 -12.52
CA VAL A 93 14.90 -3.38 -11.80
C VAL A 93 15.43 -2.96 -10.44
N ASP A 94 15.30 -1.68 -10.17
CA ASP A 94 15.56 -1.13 -8.85
C ASP A 94 14.67 -1.86 -7.83
N PRO A 95 15.27 -2.46 -6.78
CA PRO A 95 14.52 -3.22 -5.75
C PRO A 95 13.40 -2.44 -5.11
N VAL A 96 13.55 -1.12 -5.02
CA VAL A 96 12.50 -0.26 -4.47
C VAL A 96 11.20 -0.46 -5.22
N ASN A 97 11.29 -0.77 -6.50
CA ASN A 97 10.09 -0.80 -7.32
C ASN A 97 9.16 -1.98 -7.00
N PHE A 98 9.73 -3.04 -6.42
CA PHE A 98 8.92 -4.18 -6.01
C PHE A 98 7.98 -3.82 -4.89
N LYS A 99 8.42 -2.93 -4.01
CA LYS A 99 7.56 -2.44 -2.92
C LYS A 99 6.38 -1.68 -3.48
N LEU A 100 6.64 -0.90 -4.51
CA LEU A 100 5.60 -0.05 -5.11
C LEU A 100 4.57 -0.90 -5.86
N LEU A 101 5.01 -1.90 -6.61
CA LEU A 101 4.05 -2.77 -7.29
C LEU A 101 3.29 -3.60 -6.28
N SER A 102 3.98 -4.04 -5.24
CA SER A 102 3.29 -4.82 -4.19
C SER A 102 2.19 -4.01 -3.51
N HIS A 103 2.43 -2.73 -3.27
CA HIS A 103 1.40 -1.87 -2.68
C HIS A 103 0.22 -1.73 -3.65
N CYS A 104 0.50 -1.54 -4.93
CA CYS A 104 -0.60 -1.41 -5.90
C CYS A 104 -1.39 -2.70 -6.07
N LEU A 105 -0.73 -3.86 -5.95
CA LEU A 105 -1.41 -5.16 -5.96
C LEU A 105 -2.32 -5.27 -4.74
N LEU A 106 -1.85 -4.79 -3.59
CA LEU A 106 -2.68 -4.77 -2.37
C LEU A 106 -3.86 -3.82 -2.51
N VAL A 107 -3.61 -2.64 -3.08
CA VAL A 107 -4.69 -1.70 -3.34
C VAL A 107 -5.74 -2.29 -4.25
N THR A 108 -5.30 -2.96 -5.31
CA THR A 108 -6.21 -3.57 -6.28
C THR A 108 -7.10 -4.63 -5.62
N LEU A 109 -6.50 -5.50 -4.81
CA LEU A 109 -7.23 -6.54 -4.11
C LEU A 109 -8.23 -5.91 -3.15
N ALA A 110 -7.80 -4.89 -2.42
CA ALA A 110 -8.66 -4.17 -1.47
C ALA A 110 -9.85 -3.55 -2.19
N ALA A 111 -9.60 -3.04 -3.40
CA ALA A 111 -10.62 -2.39 -4.22
C ALA A 111 -11.65 -3.36 -4.78
N HIS A 112 -11.33 -4.65 -4.77
CA HIS A 112 -12.20 -5.66 -5.34
C HIS A 112 -12.71 -6.70 -4.35
N LEU A 113 -12.07 -6.82 -3.18
CA LEU A 113 -12.51 -7.81 -2.17
C LEU A 113 -12.87 -7.18 -0.83
N PRO A 114 -14.04 -6.53 -0.77
CA PRO A 114 -14.43 -5.89 0.49
C PRO A 114 -14.53 -6.90 1.64
N ALA A 115 -14.97 -8.12 1.35
CA ALA A 115 -15.13 -9.10 2.41
C ALA A 115 -13.81 -9.75 2.81
N GLU A 116 -13.01 -10.13 1.83
CA GLU A 116 -11.77 -10.87 2.10
C GLU A 116 -10.66 -10.03 2.71
N PHE A 117 -10.58 -8.77 2.33
CA PHE A 117 -9.47 -7.93 2.74
C PHE A 117 -9.55 -7.45 4.18
N THR A 118 -9.58 -8.41 5.11
CA THR A 118 -9.60 -8.11 6.54
C THR A 118 -8.18 -7.69 6.96
N PRO A 119 -8.04 -7.09 8.15
CA PRO A 119 -6.70 -6.79 8.65
C PRO A 119 -5.75 -8.00 8.63
N ALA A 120 -6.25 -9.18 8.98
CA ALA A 120 -5.42 -10.38 9.00
C ALA A 120 -5.04 -10.81 7.59
N VAL A 121 -5.99 -10.74 6.67
CA VAL A 121 -5.73 -11.13 5.29
C VAL A 121 -4.77 -10.13 4.60
N HIS A 122 -4.95 -8.85 4.90
CA HIS A 122 -4.05 -7.77 4.48
C HIS A 122 -2.62 -8.13 4.89
N ALA A 123 -2.46 -8.50 6.16
CA ALA A 123 -1.13 -8.82 6.69
C ALA A 123 -0.50 -10.00 5.97
N SER A 124 -1.29 -11.06 5.72
CA SER A 124 -0.78 -12.24 5.06
C SER A 124 -0.39 -11.98 3.60
N LEU A 125 -1.21 -11.20 2.92
CA LEU A 125 -0.91 -10.83 1.54
C LEU A 125 0.35 -9.99 1.48
N ASP A 126 0.51 -9.07 2.44
CA ASP A 126 1.71 -8.24 2.46
C ASP A 126 2.95 -9.12 2.57
N LYS A 127 2.92 -10.09 3.48
CA LYS A 127 4.06 -10.99 3.65
C LYS A 127 4.28 -11.84 2.41
N PHE A 128 3.20 -12.31 1.80
CA PHE A 128 3.33 -13.11 0.58
C PHE A 128 4.03 -12.32 -0.51
N LEU A 129 3.58 -11.07 -0.72
CA LEU A 129 4.18 -10.24 -1.77
C LEU A 129 5.60 -9.81 -1.44
N ALA A 130 5.91 -9.69 -0.16
CA ALA A 130 7.28 -9.37 0.26
C ALA A 130 8.19 -10.59 0.02
N SER A 131 7.66 -11.78 0.25
CA SER A 131 8.45 -12.98 -0.07
C SER A 131 8.73 -13.11 -1.57
N VAL A 132 7.69 -12.91 -2.40
CA VAL A 132 7.90 -12.92 -3.85
C VAL A 132 8.96 -11.90 -4.24
N SER A 133 8.83 -10.69 -3.71
CA SER A 133 9.76 -9.59 -4.01
C SER A 133 11.19 -9.92 -3.56
N THR A 134 11.31 -10.58 -2.42
CA THR A 134 12.62 -11.03 -1.94
C THR A 134 13.24 -11.98 -2.96
N VAL A 135 12.46 -12.98 -3.39
CA VAL A 135 12.91 -13.88 -4.44
C VAL A 135 13.31 -13.12 -5.70
N LEU A 136 12.43 -12.24 -6.19
CA LEU A 136 12.72 -11.59 -7.46
C LEU A 136 13.92 -10.63 -7.38
N THR A 137 14.36 -10.29 -6.16
CA THR A 137 15.53 -9.42 -5.99
C THR A 137 16.78 -10.14 -5.47
N SER A 138 16.78 -11.48 -5.50
CA SER A 138 17.83 -12.25 -4.85
C SER A 138 19.08 -12.37 -5.71
N LYS A 139 18.96 -12.07 -7.00
CA LYS A 139 20.00 -12.38 -7.96
C LYS A 139 20.77 -11.19 -8.57
N TYR A 140 21.02 -10.12 -7.81
CA TYR A 140 21.87 -9.05 -8.35
C TYR A 140 23.35 -9.47 -8.36
N VAL B 1 2.95 20.53 -1.71
CA VAL B 1 3.09 19.74 -2.94
C VAL B 1 2.08 20.19 -4.00
N HIS B 2 2.49 20.10 -5.26
CA HIS B 2 1.69 20.56 -6.40
C HIS B 2 0.67 19.53 -6.87
N LEU B 3 -0.59 19.72 -6.48
CA LEU B 3 -1.69 18.95 -7.06
C LEU B 3 -2.34 19.79 -8.17
N THR B 4 -2.56 19.17 -9.33
CA THR B 4 -3.33 19.80 -10.41
C THR B 4 -4.80 19.86 -9.96
N PRO B 5 -5.60 20.75 -10.57
CA PRO B 5 -7.02 20.85 -10.22
C PRO B 5 -7.78 19.52 -10.28
N GLU B 6 -7.52 18.69 -11.30
CA GLU B 6 -8.14 17.38 -11.41
C GLU B 6 -7.70 16.47 -10.25
N GLU B 7 -6.43 16.58 -9.86
CA GLU B 7 -5.90 15.89 -8.68
C GLU B 7 -6.59 16.39 -7.39
N LYS B 8 -6.67 17.72 -7.22
CA LYS B 8 -7.38 18.26 -6.05
C LYS B 8 -8.83 17.78 -6.01
N SER B 9 -9.50 17.79 -7.18
CA SER B 9 -10.90 17.37 -7.25
C SER B 9 -11.04 15.89 -6.84
N ALA B 10 -10.19 15.05 -7.42
CA ALA B 10 -10.22 13.62 -7.11
C ALA B 10 -10.10 13.36 -5.61
N VAL B 11 -9.21 14.10 -4.95
CA VAL B 11 -8.99 13.93 -3.51
C VAL B 11 -10.15 14.46 -2.67
N THR B 12 -10.52 15.71 -2.91
CA THR B 12 -11.55 16.39 -2.15
C THR B 12 -12.91 15.68 -2.25
N ALA B 13 -13.27 15.28 -3.45
CA ALA B 13 -14.57 14.65 -3.69
C ALA B 13 -14.73 13.37 -2.88
N LEU B 14 -13.67 12.58 -2.82
CA LEU B 14 -13.71 11.32 -2.08
C LEU B 14 -13.61 11.59 -0.60
N TRP B 15 -12.84 12.62 -0.23
CA TRP B 15 -12.55 12.85 1.17
C TRP B 15 -13.77 13.30 1.98
N GLY B 16 -14.76 13.86 1.29
CA GLY B 16 -15.98 14.31 1.93
C GLY B 16 -16.90 13.14 2.25
N LYS B 17 -16.65 11.99 1.60
CA LYS B 17 -17.42 10.78 1.85
C LYS B 17 -16.84 9.92 2.98
N VAL B 18 -15.72 10.35 3.55
CA VAL B 18 -14.99 9.56 4.54
C VAL B 18 -15.58 9.67 5.95
N ASN B 19 -15.86 8.53 6.58
CA ASN B 19 -16.25 8.52 7.99
C ASN B 19 -15.04 8.78 8.87
N VAL B 20 -14.88 10.05 9.24
CA VAL B 20 -13.78 10.56 10.05
C VAL B 20 -13.71 10.00 11.47
N ASP B 21 -14.72 9.25 11.88
CA ASP B 21 -14.67 8.63 13.21
C ASP B 21 -14.07 7.23 13.15
N GLU B 22 -13.92 6.71 11.93
CA GLU B 22 -13.61 5.29 11.73
C GLU B 22 -12.36 5.00 10.89
N VAL B 23 -12.24 5.69 9.75
CA VAL B 23 -11.15 5.41 8.82
C VAL B 23 -9.79 5.58 9.51
N GLY B 24 -9.67 6.61 10.34
CA GLY B 24 -8.46 6.86 11.11
C GLY B 24 -7.98 5.69 11.96
N GLY B 25 -8.91 5.05 12.67
CA GLY B 25 -8.55 3.95 13.55
C GLY B 25 -8.35 2.68 12.75
N GLU B 26 -9.01 2.61 11.60
CA GLU B 26 -8.82 1.48 10.70
C GLU B 26 -7.39 1.53 10.11
N ALA B 27 -6.96 2.71 9.67
CA ALA B 27 -5.61 2.85 9.10
C ALA B 27 -4.52 2.57 10.14
N LEU B 28 -4.66 3.18 11.32
CA LEU B 28 -3.70 3.00 12.40
C LEU B 28 -3.67 1.54 12.87
N GLY B 29 -4.86 0.98 13.11
CA GLY B 29 -4.99 -0.41 13.47
C GLY B 29 -4.25 -1.31 12.50
N ARG B 30 -4.55 -1.19 11.21
CA ARG B 30 -3.92 -2.04 10.20
C ARG B 30 -2.41 -1.91 10.19
N LEU B 31 -1.93 -0.69 10.41
CA LEU B 31 -0.49 -0.43 10.48
C LEU B 31 0.17 -1.27 11.56
N LEU B 32 -0.46 -1.34 12.74
CA LEU B 32 0.06 -2.09 13.89
C LEU B 32 0.00 -3.59 13.68
N VAL B 33 -1.01 -4.02 12.93
CA VAL B 33 -1.13 -5.42 12.59
C VAL B 33 -0.17 -5.82 11.45
N VAL B 34 -0.15 -5.05 10.37
CA VAL B 34 0.66 -5.40 9.20
C VAL B 34 2.18 -5.19 9.42
N TYR B 35 2.53 -4.13 10.13
CA TYR B 35 3.91 -3.82 10.45
C TYR B 35 4.11 -3.80 11.96
N PRO B 36 4.22 -4.99 12.57
CA PRO B 36 4.17 -5.20 14.03
C PRO B 36 5.23 -4.46 14.83
N TRP B 37 6.33 -4.05 14.22
CA TRP B 37 7.34 -3.26 14.94
C TRP B 37 6.81 -1.87 15.28
N THR B 38 5.74 -1.45 14.61
CA THR B 38 5.16 -0.15 14.93
C THR B 38 4.47 -0.19 16.30
N GLN B 39 4.22 -1.41 16.80
CA GLN B 39 3.60 -1.61 18.12
C GLN B 39 4.60 -1.35 19.23
N ARG B 40 5.84 -1.07 18.88
CA ARG B 40 6.85 -0.72 19.86
C ARG B 40 6.53 0.62 20.48
N PHE B 41 5.98 1.51 19.68
CA PHE B 41 5.62 2.85 20.13
C PHE B 41 4.21 2.91 20.75
N PHE B 42 3.64 1.75 21.09
CA PHE B 42 2.28 1.75 21.63
C PHE B 42 2.02 0.63 22.64
N GLU B 43 3.00 0.28 23.47
CA GLU B 43 2.81 -0.77 24.48
C GLU B 43 1.71 -0.39 25.48
N SER B 44 1.60 0.90 25.76
CA SER B 44 0.59 1.43 26.67
C SER B 44 -0.85 1.06 26.33
N PHE B 45 -1.17 1.02 25.03
CA PHE B 45 -2.55 0.88 24.56
C PHE B 45 -3.23 -0.45 24.94
N GLY B 46 -2.46 -1.40 25.45
CA GLY B 46 -3.07 -2.61 26.01
C GLY B 46 -2.96 -3.88 25.19
N ASP B 47 -4.09 -4.53 24.95
CA ASP B 47 -4.10 -5.82 24.25
C ASP B 47 -3.90 -5.63 22.75
N LEU B 48 -2.67 -5.86 22.30
CA LEU B 48 -2.34 -5.80 20.88
C LEU B 48 -1.86 -7.19 20.46
N SER B 49 -2.29 -8.19 21.21
CA SER B 49 -1.92 -9.58 20.94
C SER B 49 -2.41 -10.05 19.58
N THR B 50 -3.60 -9.60 19.19
CA THR B 50 -4.26 -10.09 17.98
C THR B 50 -4.76 -8.93 17.09
N PRO B 51 -5.10 -9.25 15.82
CA PRO B 51 -5.74 -8.22 14.99
C PRO B 51 -7.04 -7.74 15.61
N ASP B 52 -7.94 -8.67 15.96
CA ASP B 52 -9.18 -8.32 16.66
C ASP B 52 -8.90 -7.48 17.90
N ALA B 53 -7.86 -7.84 18.66
CA ALA B 53 -7.46 -7.02 19.81
C ALA B 53 -7.15 -5.60 19.40
N VAL B 54 -6.18 -5.44 18.47
CA VAL B 54 -5.80 -4.12 17.97
C VAL B 54 -6.97 -3.35 17.35
N MET B 55 -7.73 -4.00 16.47
CA MET B 55 -8.80 -3.28 15.76
C MET B 55 -9.91 -2.89 16.73
N GLY B 56 -10.32 -3.83 17.58
CA GLY B 56 -11.36 -3.58 18.56
C GLY B 56 -10.86 -2.92 19.83
N ASN B 57 -9.85 -2.06 19.69
CA ASN B 57 -9.16 -1.42 20.82
C ASN B 57 -9.46 0.07 20.85
N PRO B 58 -9.85 0.60 22.01
CA PRO B 58 -10.33 1.98 22.16
C PRO B 58 -9.25 3.01 21.89
N LYS B 59 -8.06 2.78 22.43
CA LYS B 59 -6.98 3.75 22.34
C LYS B 59 -6.45 3.87 20.90
N VAL B 60 -6.61 2.80 20.13
CA VAL B 60 -6.29 2.82 18.69
C VAL B 60 -7.31 3.67 17.95
N LYS B 61 -8.58 3.31 18.09
CA LYS B 61 -9.67 4.07 17.47
C LYS B 61 -9.65 5.52 17.92
N ALA B 62 -9.42 5.74 19.22
CA ALA B 62 -9.27 7.10 19.75
C ALA B 62 -8.15 7.83 19.03
N HIS B 63 -6.96 7.23 18.98
CA HIS B 63 -5.80 7.92 18.44
C HIS B 63 -5.83 8.11 16.91
N GLY B 64 -6.43 7.17 16.18
CA GLY B 64 -6.51 7.28 14.73
C GLY B 64 -7.33 8.48 14.28
N LYS B 65 -8.23 8.92 15.15
CA LYS B 65 -9.04 10.10 14.88
C LYS B 65 -8.13 11.30 14.64
N LYS B 66 -7.22 11.54 15.59
CA LYS B 66 -6.26 12.65 15.50
C LYS B 66 -5.38 12.45 14.28
N VAL B 67 -4.85 11.24 14.14
CA VAL B 67 -4.03 10.89 12.99
C VAL B 67 -4.78 11.29 11.72
N LEU B 68 -6.04 10.84 11.60
CA LEU B 68 -6.85 11.20 10.44
C LEU B 68 -7.10 12.72 10.42
N GLY B 69 -7.24 13.31 11.60
CA GLY B 69 -7.34 14.76 11.72
C GLY B 69 -6.16 15.45 11.05
N ALA B 70 -4.96 14.92 11.27
CA ALA B 70 -3.76 15.51 10.67
C ALA B 70 -3.81 15.53 9.14
N PHE B 71 -4.17 14.40 8.54
CA PHE B 71 -4.19 14.32 7.07
C PHE B 71 -5.19 15.30 6.47
N SER B 72 -6.37 15.44 7.09
CA SER B 72 -7.39 16.36 6.61
C SER B 72 -6.82 17.78 6.55
N ASP B 73 -6.18 18.18 7.64
CA ASP B 73 -5.49 19.46 7.76
C ASP B 73 -4.61 19.73 6.55
N GLY B 74 -3.60 18.88 6.33
CA GLY B 74 -2.67 19.03 5.22
C GLY B 74 -3.32 18.99 3.84
N LEU B 75 -4.50 18.40 3.77
CA LEU B 75 -5.28 18.39 2.53
C LEU B 75 -5.78 19.79 2.18
N ALA B 76 -5.82 20.66 3.19
CA ALA B 76 -6.18 22.06 2.98
C ALA B 76 -4.95 22.91 2.72
N HIS B 77 -3.77 22.34 2.98
CA HIS B 77 -2.53 23.11 2.95
C HIS B 77 -1.38 22.45 2.18
N LEU B 78 -1.65 21.96 0.98
CA LEU B 78 -0.60 21.35 0.16
C LEU B 78 0.48 22.37 -0.18
N ASP B 79 0.12 23.65 -0.08
CA ASP B 79 1.07 24.74 -0.27
C ASP B 79 2.07 24.84 0.87
N ASN B 80 1.60 24.60 2.09
CA ASN B 80 2.46 24.74 3.27
C ASN B 80 2.30 23.56 4.22
N LEU B 81 2.79 22.40 3.78
CA LEU B 81 2.77 21.21 4.60
C LEU B 81 3.81 21.31 5.71
N LYS B 82 4.99 21.83 5.38
CA LYS B 82 6.02 22.05 6.38
C LYS B 82 5.53 22.99 7.50
N GLY B 83 4.86 24.06 7.11
CA GLY B 83 4.29 24.99 8.07
C GLY B 83 3.18 24.35 8.87
N THR B 84 2.38 23.52 8.21
CA THR B 84 1.26 22.84 8.87
C THR B 84 1.73 21.83 9.93
N PHE B 85 2.72 21.01 9.60
CA PHE B 85 3.12 19.93 10.49
C PHE B 85 4.30 20.25 11.42
N ALA B 86 4.79 21.49 11.35
CA ALA B 86 5.99 21.93 12.07
C ALA B 86 6.14 21.32 13.48
N THR B 87 5.17 21.62 14.33
CA THR B 87 5.11 21.09 15.69
C THR B 87 5.23 19.57 15.77
N LEU B 88 4.34 18.86 15.06
CA LEU B 88 4.25 17.40 15.12
C LEU B 88 5.52 16.68 14.65
N SER B 89 6.37 17.37 13.90
CA SER B 89 7.61 16.75 13.45
C SER B 89 8.60 16.60 14.62
N GLU B 90 8.77 17.64 15.40
CA GLU B 90 9.64 17.59 16.58
C GLU B 90 9.12 16.53 17.56
N LEU B 91 7.82 16.29 17.51
CA LEU B 91 7.19 15.25 18.32
C LEU B 91 7.66 13.84 17.90
N HIS B 92 7.55 13.53 16.61
CA HIS B 92 7.86 12.17 16.14
C HIS B 92 9.34 11.97 15.87
N CYS B 93 10.04 13.07 15.66
CA CYS B 93 11.48 13.02 15.36
C CYS B 93 12.32 13.24 16.62
N ASP B 94 12.28 14.44 17.18
CA ASP B 94 13.04 14.76 18.40
C ASP B 94 12.54 14.05 19.68
N LYS B 95 11.24 13.84 19.78
CA LYS B 95 10.69 13.24 21.00
C LYS B 95 10.44 11.73 20.90
N LEU B 96 9.87 11.27 19.78
CA LEU B 96 9.56 9.85 19.63
C LEU B 96 10.66 9.04 18.92
N HIS B 97 11.46 9.71 18.08
CA HIS B 97 12.51 9.06 17.28
C HIS B 97 11.98 7.97 16.34
N VAL B 98 11.23 8.37 15.31
CA VAL B 98 10.60 7.39 14.41
C VAL B 98 11.14 7.50 12.98
N ASP B 99 11.49 6.37 12.36
CA ASP B 99 12.00 6.45 11.00
C ASP B 99 10.93 6.93 10.00
N PRO B 100 11.31 7.85 9.10
CA PRO B 100 10.39 8.42 8.10
C PRO B 100 9.82 7.38 7.13
N GLU B 101 10.49 6.24 6.95
CA GLU B 101 9.89 5.18 6.17
C GLU B 101 8.53 4.79 6.76
N ASN B 102 8.43 4.84 8.08
CA ASN B 102 7.17 4.47 8.73
C ASN B 102 6.00 5.42 8.41
N PHE B 103 6.30 6.68 8.13
CA PHE B 103 5.23 7.60 7.76
C PHE B 103 4.75 7.21 6.36
N ARG B 104 5.68 6.85 5.48
CA ARG B 104 5.29 6.38 4.16
C ARG B 104 4.40 5.15 4.28
N LEU B 105 4.73 4.26 5.22
CA LEU B 105 3.91 3.06 5.41
C LEU B 105 2.48 3.36 5.87
N LEU B 106 2.33 4.26 6.84
CA LEU B 106 1.01 4.64 7.33
C LEU B 106 0.21 5.23 6.16
N GLY B 107 0.86 6.08 5.37
CA GLY B 107 0.23 6.68 4.20
C GLY B 107 -0.26 5.60 3.25
N ASN B 108 0.61 4.65 2.92
CA ASN B 108 0.17 3.52 2.10
C ASN B 108 -0.95 2.67 2.72
N VAL B 109 -0.91 2.46 4.04
CA VAL B 109 -2.01 1.75 4.68
C VAL B 109 -3.32 2.54 4.56
N LEU B 110 -3.24 3.84 4.79
CA LEU B 110 -4.43 4.70 4.61
C LEU B 110 -4.98 4.56 3.20
N VAL B 111 -4.11 4.59 2.20
CA VAL B 111 -4.55 4.33 0.82
C VAL B 111 -5.24 2.97 0.67
N CYS B 112 -4.72 1.91 1.29
CA CYS B 112 -5.39 0.59 1.20
C CYS B 112 -6.77 0.65 1.86
N VAL B 113 -6.87 1.40 2.95
CA VAL B 113 -8.16 1.55 3.65
C VAL B 113 -9.16 2.29 2.77
N LEU B 114 -8.71 3.37 2.13
CA LEU B 114 -9.55 4.10 1.18
C LEU B 114 -10.03 3.22 0.03
N ALA B 115 -9.17 2.33 -0.48
CA ALA B 115 -9.55 1.46 -1.58
C ALA B 115 -10.59 0.45 -1.12
N HIS B 116 -10.39 -0.06 0.10
CA HIS B 116 -11.27 -1.08 0.68
C HIS B 116 -12.69 -0.50 0.84
N HIS B 117 -12.76 0.74 1.31
CA HIS B 117 -14.04 1.38 1.58
C HIS B 117 -14.74 1.92 0.33
N PHE B 118 -13.98 2.41 -0.63
CA PHE B 118 -14.57 3.01 -1.81
C PHE B 118 -14.59 2.11 -3.03
N GLY B 119 -13.88 0.99 -2.97
CA GLY B 119 -13.93 0.01 -4.05
C GLY B 119 -13.67 0.64 -5.40
N LYS B 120 -14.55 0.35 -6.35
CA LYS B 120 -14.47 0.91 -7.71
C LYS B 120 -14.25 2.42 -7.79
N GLU B 121 -14.78 3.17 -6.81
CA GLU B 121 -14.61 4.61 -6.79
C GLU B 121 -13.15 5.04 -6.67
N PHE B 122 -12.34 4.19 -6.07
CA PHE B 122 -10.94 4.52 -5.84
C PHE B 122 -10.14 4.12 -7.04
N THR B 123 -10.32 4.87 -8.13
CA THR B 123 -9.77 4.53 -9.42
C THR B 123 -8.26 4.74 -9.42
N PRO B 124 -7.56 4.27 -10.46
CA PRO B 124 -6.11 4.51 -10.47
C PRO B 124 -5.70 5.99 -10.48
N PRO B 125 -6.43 6.90 -11.18
CA PRO B 125 -6.09 8.32 -11.03
C PRO B 125 -6.36 8.90 -9.65
N VAL B 126 -7.45 8.46 -9.02
CA VAL B 126 -7.72 8.92 -7.66
C VAL B 126 -6.63 8.42 -6.71
N GLN B 127 -6.20 7.18 -6.87
CA GLN B 127 -5.10 6.69 -6.05
C GLN B 127 -3.83 7.53 -6.29
N ALA B 128 -3.49 7.74 -7.55
CA ALA B 128 -2.31 8.57 -7.90
C ALA B 128 -2.30 9.93 -7.22
N ALA B 129 -3.45 10.58 -7.17
CA ALA B 129 -3.54 11.85 -6.48
C ALA B 129 -3.36 11.67 -4.97
N TYR B 130 -4.00 10.66 -4.38
CA TYR B 130 -3.80 10.42 -2.96
C TYR B 130 -2.34 10.05 -2.64
N GLN B 131 -1.64 9.37 -3.56
CA GLN B 131 -0.21 9.08 -3.30
C GLN B 131 0.63 10.36 -3.18
N LYS B 132 0.36 11.35 -4.03
CA LYS B 132 1.07 12.64 -3.91
C LYS B 132 0.84 13.26 -2.55
N VAL B 133 -0.40 13.21 -2.09
CA VAL B 133 -0.75 13.74 -0.78
C VAL B 133 0.00 13.07 0.38
N VAL B 134 -0.08 11.75 0.47
CA VAL B 134 0.54 11.06 1.59
C VAL B 134 2.06 11.13 1.51
N ALA B 135 2.58 11.28 0.29
CA ALA B 135 4.02 11.45 0.10
C ALA B 135 4.44 12.79 0.69
N GLY B 136 3.68 13.85 0.36
CA GLY B 136 3.95 15.18 0.87
C GLY B 136 3.77 15.28 2.37
N VAL B 137 2.77 14.59 2.91
CA VAL B 137 2.58 14.58 4.37
C VAL B 137 3.71 13.84 5.08
N ALA B 138 4.10 12.69 4.54
CA ALA B 138 5.17 11.91 5.15
C ALA B 138 6.47 12.70 5.18
N ASN B 139 6.76 13.39 4.09
CA ASN B 139 7.98 14.19 4.00
C ASN B 139 7.96 15.36 4.99
N ALA B 140 6.82 16.02 5.10
CA ALA B 140 6.72 17.18 5.98
C ALA B 140 6.85 16.74 7.45
N LEU B 141 6.29 15.58 7.78
CA LEU B 141 6.44 15.03 9.13
C LEU B 141 7.87 14.69 9.46
N ALA B 142 8.69 14.45 8.45
CA ALA B 142 10.06 14.01 8.70
C ALA B 142 11.06 15.15 8.61
N HIS B 143 10.56 16.37 8.43
CA HIS B 143 11.47 17.52 8.26
C HIS B 143 12.44 17.72 9.44
N LYS B 144 12.06 17.24 10.63
CA LYS B 144 12.96 17.31 11.79
C LYS B 144 14.07 16.25 11.79
N TYR B 145 14.21 15.52 10.67
CA TYR B 145 15.38 14.67 10.43
C TYR B 145 16.19 15.24 9.29
N HIS B 146 15.50 15.90 8.36
CA HIS B 146 16.04 16.27 7.05
C HIS B 146 17.34 17.08 7.07
CHA HEM C . 8.40 -8.89 -17.21
CHB HEM C . 6.30 -10.66 -13.16
CHC HEM C . 7.93 -6.75 -10.69
CHD HEM C . 9.40 -4.68 -14.85
C1A HEM C . 7.71 -9.72 -16.36
C2A HEM C . 7.10 -11.01 -16.66
C3A HEM C . 6.53 -11.48 -15.54
C4A HEM C . 6.73 -10.51 -14.46
CMA HEM C . 5.77 -12.81 -15.40
CAA HEM C . 7.04 -11.84 -17.97
CBA HEM C . 7.80 -11.37 -19.19
CGA HEM C . 7.41 -12.38 -20.25
O1A HEM C . 7.66 -13.60 -20.00
O2A HEM C . 6.86 -11.99 -21.31
C1B HEM C . 6.58 -9.77 -12.13
C2B HEM C . 6.14 -9.90 -10.75
C3B HEM C . 6.58 -8.84 -10.05
C4B HEM C . 7.31 -7.97 -10.99
CMB HEM C . 5.33 -11.11 -10.23
CAB HEM C . 6.38 -8.50 -8.55
CBB HEM C . 5.49 -9.08 -7.73
C1C HEM C . 8.42 -5.83 -11.60
C2C HEM C . 8.79 -4.45 -11.34
C3C HEM C . 9.20 -3.89 -12.49
C4C HEM C . 9.07 -4.89 -13.53
CMC HEM C . 8.74 -3.77 -9.95
CAC HEM C . 9.68 -2.45 -12.77
CBC HEM C . 9.04 -1.37 -12.26
C1D HEM C . 9.30 -5.61 -15.85
C2D HEM C . 9.73 -5.39 -17.22
C3D HEM C . 9.42 -6.70 -17.95
C4D HEM C . 8.83 -7.59 -16.97
CMD HEM C . 10.37 -4.12 -17.81
CAD HEM C . 9.68 -6.98 -19.43
CBD HEM C . 8.69 -6.11 -20.19
CGD HEM C . 8.84 -6.35 -21.67
O1D HEM C . 8.12 -7.24 -22.19
O2D HEM C . 9.65 -5.66 -22.31
NA HEM C . 7.45 -9.46 -15.00
NB HEM C . 7.28 -8.58 -12.24
NC HEM C . 8.61 -6.05 -12.96
ND HEM C . 8.79 -6.90 -15.76
FE HEM C . 8.02 -7.73 -14.06
C1 GOL D . 5.23 -6.44 0.47
O1 GOL D . 3.84 -6.17 0.42
C2 GOL D . 6.17 -5.37 -0.13
O2 GOL D . 7.09 -5.00 0.88
C3 GOL D . 6.93 -6.15 -1.21
O3 GOL D . 8.05 -5.51 -1.82
C1 NOE E . 5.48 -6.04 -13.27
C2 NOE E . 5.65 -4.54 -13.14
N NOE E . 6.16 -6.35 -14.50
O1 NOE E . 5.77 -7.22 -15.25
CHA HEM F . 1.35 10.61 18.58
CHA HEM F . -1.75 14.64 20.53
CHB HEM F . 4.15 7.00 16.93
CHB HEM F . 1.25 11.08 21.93
CHC HEM F . 3.16 8.43 12.39
CHC HEM F . 1.56 9.55 17.36
CHD HEM F . -0.04 11.68 14.00
CHD HEM F . -1.03 13.40 15.81
C1A HEM F . 2.18 9.51 18.56
C1A HEM F . -1.08 13.71 21.32
C2A HEM F . 2.71 8.79 19.70
C2A HEM F . -1.24 13.51 22.76
C3A HEM F . 3.48 7.79 19.25
C3A HEM F . -0.39 12.51 23.13
C4A HEM F . 3.48 7.84 17.80
C4A HEM F . 0.31 12.08 21.95
CMA HEM F . 4.24 6.79 20.13
CMA HEM F . -0.13 11.89 24.52
CAA HEM F . 2.44 9.08 21.19
CAA HEM F . -2.21 14.30 23.67
CBA HEM F . 1.18 8.31 21.60
CBA HEM F . -3.09 13.38 24.51
CGA HEM F . 1.25 7.86 23.03
CGA HEM F . -4.54 13.78 24.46
O1A HEM F . 1.90 6.79 23.31
O1A HEM F . -5.30 13.38 25.39
O2A HEM F . 0.66 8.55 23.90
O2A HEM F . -4.93 14.49 23.50
C1B HEM F . 4.08 7.01 15.57
C1B HEM F . 1.61 10.37 20.81
C2B HEM F . 4.57 6.00 14.66
C2B HEM F . 2.51 9.24 20.81
C3B HEM F . 4.30 6.40 13.41
C3B HEM F . 2.62 8.81 19.55
C4B HEM F . 3.62 7.68 13.47
C4B HEM F . 1.77 9.65 18.72
CMB HEM F . 5.30 4.68 15.01
CMB HEM F . 3.24 8.64 22.03
CAB HEM F . 4.67 5.59 12.16
CAB HEM F . 3.49 7.61 19.12
CBB HEM F . 4.06 5.84 11.01
CBB HEM F . 3.77 7.32 17.84
C1C HEM F . 2.22 9.45 12.41
C1C HEM F . 0.92 10.47 16.55
C2C HEM F . 1.71 10.17 11.26
C2C HEM F . 0.87 10.40 15.11
C3C HEM F . 0.80 11.07 11.72
C3C HEM F . 0.19 11.46 14.68
C4C HEM F . 0.75 10.93 13.16
C4C HEM F . -0.27 12.24 15.81
CMC HEM F . 2.12 9.90 9.79
CMC HEM F . 1.54 9.34 14.22
CAC HEM F . -0.05 12.11 10.96
CAC HEM F . -0.04 11.71 13.16
CBC HEM F . 0.19 12.52 9.71
CBC HEM F . -0.41 12.90 12.71
C1D HEM F . 0.05 11.72 15.37
C1D HEM F . -1.50 14.12 16.91
C2D HEM F . -0.71 12.63 16.21
C2D HEM F . -2.34 15.30 16.88
C3D HEM F . -0.27 12.29 17.66
C3D HEM F . -2.56 15.69 18.37
C4D HEM F . 0.70 11.22 17.52
C4D HEM F . -1.84 14.70 19.14
CMD HEM F . -1.71 13.67 15.66
CMD HEM F . -2.90 16.04 15.65
CAD HEM F . -0.70 12.89 19.02
CAD HEM F . -3.39 16.88 18.89
CBD HEM F . -1.30 14.29 18.99
CBD HEM F . -4.86 16.47 18.93
CGD HEM F . -1.39 14.75 20.42
CGD HEM F . -5.40 16.68 20.31
O1D HEM F . -1.28 13.88 21.33
O1D HEM F . -5.04 17.71 20.93
O2D HEM F . -1.56 15.97 20.66
O2D HEM F . -6.20 15.84 20.79
NA HEM F . 2.67 8.90 17.42
NA HEM F . -0.12 12.82 20.86
NB HEM F . 3.50 8.02 14.81
NB HEM F . 1.16 10.59 19.53
NC HEM F . 1.62 9.94 13.55
NC HEM F . 0.21 11.60 16.94
ND HEM F . 0.85 10.91 16.18
ND HEM F . -1.24 13.81 18.25
FE HEM F . 2.04 9.31 15.46
FE HEM F . 0.00 12.36 18.78
#